data_3U80
#
_entry.id   3U80
#
_cell.length_a   44.004
_cell.length_b   72.684
_cell.length_c   81.713
_cell.angle_alpha   90.00
_cell.angle_beta   90.00
_cell.angle_gamma   90.00
#
_symmetry.space_group_name_H-M   'P 21 21 21'
#
loop_
_entity.id
_entity.type
_entity.pdbx_description
1 polymer '3-dehydroquinate dehydratase, type II'
2 water water
#
_entity_poly.entity_id   1
_entity_poly.type   'polypeptide(L)'
_entity_poly.pdbx_seq_one_letter_code
;SNAMTKVIVVNGPNLGRLGVRQPDVYGRQDLDTLRKLCAEWGKDLGLEVEVRQTDDEAEMVRWMHQAADEKTPVVMNPAA
FTHYSYALADAAHMVIDENLPLMEVHISNPSARDEFRKRSVISPVATGTITGMGFYGYKLALDAVAHLLSE
;
_entity_poly.pdbx_strand_id   A,B
#
# COMPACT_ATOMS: atom_id res chain seq x y z
N MET A 4 -16.53 -8.97 15.46
CA MET A 4 -15.42 -7.99 15.29
C MET A 4 -14.08 -8.67 15.61
N THR A 5 -13.18 -8.67 14.63
CA THR A 5 -11.82 -9.25 14.80
C THR A 5 -10.86 -8.17 15.33
N LYS A 6 -10.14 -8.49 16.40
CA LYS A 6 -9.19 -7.53 16.97
C LYS A 6 -7.95 -7.41 16.08
N VAL A 7 -7.53 -6.17 15.85
CA VAL A 7 -6.33 -5.82 15.08
C VAL A 7 -5.59 -4.74 15.84
N ILE A 8 -4.26 -4.85 15.92
CA ILE A 8 -3.46 -3.85 16.62
CA ILE A 8 -3.45 -3.86 16.61
C ILE A 8 -2.62 -3.06 15.61
N VAL A 9 -2.61 -1.74 15.78
CA VAL A 9 -1.80 -0.84 14.96
C VAL A 9 -0.71 -0.34 15.90
N VAL A 10 0.53 -0.61 15.55
CA VAL A 10 1.67 -0.19 16.37
C VAL A 10 2.57 0.78 15.60
N ASN A 11 2.90 1.90 16.25
CA ASN A 11 3.70 2.94 15.67
C ASN A 11 4.95 3.21 16.48
N GLY A 12 6.02 3.50 15.76
CA GLY A 12 7.27 3.95 16.33
C GLY A 12 7.19 5.43 16.66
N PRO A 13 8.31 6.01 17.00
CA PRO A 13 8.35 7.42 17.40
C PRO A 13 8.30 8.43 16.26
N ASN A 14 7.79 9.62 16.55
CA ASN A 14 7.77 10.74 15.60
C ASN A 14 7.07 10.50 14.26
N LEU A 15 5.78 10.21 14.30
CA LEU A 15 4.99 10.00 13.07
C LEU A 15 5.07 11.21 12.14
N ARG A 28 0.47 14.92 19.94
CA ARG A 28 -0.68 14.13 20.39
C ARG A 28 -1.85 14.20 19.41
N GLN A 29 -2.08 15.38 18.86
CA GLN A 29 -3.21 15.61 17.94
C GLN A 29 -3.21 14.63 16.78
N ASP A 30 -2.04 14.41 16.16
CA ASP A 30 -1.92 13.49 15.02
C ASP A 30 -2.24 12.07 15.42
N LEU A 31 -1.68 11.62 16.54
CA LEU A 31 -1.94 10.25 16.98
C LEU A 31 -3.42 10.11 17.34
N ASP A 32 -4.00 11.12 18.00
CA ASP A 32 -5.41 11.04 18.35
C ASP A 32 -6.29 10.92 17.09
N THR A 33 -5.96 11.68 16.06
CA THR A 33 -6.68 11.64 14.79
C THR A 33 -6.53 10.27 14.15
N LEU A 34 -5.32 9.75 14.15
CA LEU A 34 -5.08 8.43 13.58
C LEU A 34 -5.88 7.38 14.34
N ARG A 35 -5.88 7.46 15.66
CA ARG A 35 -6.57 6.49 16.46
C ARG A 35 -8.07 6.46 16.15
N LYS A 36 -8.68 7.63 16.07
CA LYS A 36 -10.11 7.74 15.75
C LYS A 36 -10.41 7.21 14.36
N LEU A 37 -9.60 7.61 13.40
CA LEU A 37 -9.78 7.10 12.03
C LEU A 37 -9.67 5.59 11.97
N CYS A 38 -8.65 5.01 12.60
CA CYS A 38 -8.48 3.55 12.58
C CYS A 38 -9.66 2.86 13.24
N ALA A 39 -10.12 3.41 14.37
CA ALA A 39 -11.27 2.84 15.04
C ALA A 39 -12.49 2.79 14.10
N GLU A 40 -12.79 3.90 13.42
CA GLU A 40 -13.96 3.97 12.54
C GLU A 40 -13.78 3.13 11.28
N TRP A 41 -12.63 3.21 10.65
CA TRP A 41 -12.36 2.38 9.49
C TRP A 41 -12.50 0.93 9.84
N GLY A 42 -11.96 0.54 10.98
CA GLY A 42 -12.03 -0.84 11.42
C GLY A 42 -13.46 -1.28 11.60
N LYS A 43 -14.26 -0.46 12.29
CA LYS A 43 -15.67 -0.77 12.53
C LYS A 43 -16.40 -1.08 11.22
N ASP A 44 -16.19 -0.26 10.21
CA ASP A 44 -16.84 -0.47 8.91
C ASP A 44 -16.42 -1.78 8.25
N LEU A 45 -15.25 -2.30 8.64
CA LEU A 45 -14.73 -3.55 8.07
C LEU A 45 -14.87 -4.75 9.01
N GLY A 46 -15.57 -4.57 10.13
CA GLY A 46 -15.73 -5.65 11.11
C GLY A 46 -14.48 -5.94 11.91
N LEU A 47 -13.69 -4.90 12.17
CA LEU A 47 -12.45 -5.03 12.90
C LEU A 47 -12.49 -4.13 14.13
N GLU A 48 -12.01 -4.64 15.26
CA GLU A 48 -11.88 -3.85 16.48
C GLU A 48 -10.41 -3.43 16.52
N VAL A 49 -10.15 -2.16 16.23
CA VAL A 49 -8.77 -1.68 16.07
C VAL A 49 -8.27 -0.80 17.18
N GLU A 50 -7.15 -1.19 17.77
CA GLU A 50 -6.49 -0.42 18.82
C GLU A 50 -5.22 0.17 18.22
N VAL A 51 -4.90 1.39 18.59
CA VAL A 51 -3.71 2.08 18.08
C VAL A 51 -2.79 2.45 19.25
N ARG A 52 -1.53 2.04 19.13
CA ARG A 52 -0.53 2.31 20.14
CA ARG A 52 -0.52 2.29 20.15
C ARG A 52 0.72 2.93 19.52
N GLN A 53 1.46 3.66 20.33
CA GLN A 53 2.72 4.27 19.90
CA GLN A 53 2.71 4.28 19.90
C GLN A 53 3.76 4.13 20.99
N THR A 54 5.00 3.89 20.57
CA THR A 54 6.13 3.78 21.49
C THR A 54 7.42 4.33 20.91
N ASP A 55 8.29 4.84 21.78
N ASP A 55 8.29 4.84 21.77
CA ASP A 55 9.59 5.30 21.37
CA ASP A 55 9.61 5.28 21.35
C ASP A 55 10.63 4.20 21.64
C ASP A 55 10.65 4.19 21.66
N ASP A 56 10.19 3.08 22.24
CA ASP A 56 11.08 2.00 22.62
C ASP A 56 10.84 0.76 21.78
N GLU A 57 11.84 0.37 21.00
CA GLU A 57 11.69 -0.78 20.13
CA GLU A 57 11.70 -0.76 20.10
C GLU A 57 11.41 -2.07 20.90
N ALA A 58 11.97 -2.20 22.10
CA ALA A 58 11.73 -3.38 22.92
C ALA A 58 10.25 -3.49 23.29
N GLU A 59 9.56 -2.35 23.47
CA GLU A 59 8.11 -2.37 23.75
C GLU A 59 7.35 -2.82 22.51
N MET A 60 7.80 -2.38 21.33
CA MET A 60 7.13 -2.84 20.10
CA MET A 60 7.20 -2.82 20.08
C MET A 60 7.32 -4.35 19.98
N VAL A 61 8.50 -4.87 20.34
CA VAL A 61 8.74 -6.31 20.33
C VAL A 61 7.76 -7.01 21.26
N ARG A 62 7.57 -6.48 22.47
CA ARG A 62 6.62 -7.06 23.41
C ARG A 62 5.22 -7.08 22.80
N TRP A 63 4.80 -5.99 22.15
CA TRP A 63 3.49 -5.98 21.51
C TRP A 63 3.35 -7.01 20.42
N MET A 64 4.41 -7.22 19.64
CA MET A 64 4.37 -8.24 18.57
CA MET A 64 4.43 -8.24 18.58
C MET A 64 4.32 -9.65 19.15
N HIS A 65 5.00 -9.87 20.27
CA HIS A 65 4.91 -11.15 20.94
C HIS A 65 3.47 -11.38 21.39
N GLN A 66 2.86 -10.35 21.99
CA GLN A 66 1.48 -10.45 22.45
C GLN A 66 0.54 -10.75 21.26
N ALA A 67 0.79 -10.10 20.13
CA ALA A 67 0.00 -10.32 18.93
C ALA A 67 0.13 -11.76 18.47
N ALA A 68 1.34 -12.31 18.47
CA ALA A 68 1.51 -13.72 18.11
C ALA A 68 0.77 -14.65 19.09
N ASP A 69 0.83 -14.30 20.37
CA ASP A 69 0.19 -15.11 21.44
C ASP A 69 -1.32 -15.10 21.28
N GLU A 70 -1.87 -13.91 21.06
CA GLU A 70 -3.34 -13.68 20.96
C GLU A 70 -3.94 -13.88 19.56
N LYS A 71 -3.09 -14.12 18.56
CA LYS A 71 -3.49 -14.31 17.18
C LYS A 71 -4.15 -13.05 16.62
N THR A 72 -3.50 -11.90 16.83
CA THR A 72 -3.99 -10.62 16.39
CA THR A 72 -4.05 -10.64 16.32
C THR A 72 -3.24 -10.08 15.18
N PRO A 73 -3.94 -9.81 14.04
CA PRO A 73 -3.25 -9.17 12.94
C PRO A 73 -2.66 -7.85 13.40
N VAL A 74 -1.54 -7.49 12.78
CA VAL A 74 -0.75 -6.29 13.10
C VAL A 74 -0.58 -5.35 11.92
N VAL A 75 -0.74 -4.06 12.17
CA VAL A 75 -0.39 -3.04 11.21
C VAL A 75 0.74 -2.26 11.90
N MET A 76 1.89 -2.18 11.27
CA MET A 76 3.06 -1.51 11.87
C MET A 76 3.59 -0.35 11.04
N ASN A 77 3.77 0.81 11.69
CA ASN A 77 4.46 1.93 11.08
C ASN A 77 5.71 2.12 11.92
N PRO A 78 6.87 1.72 11.43
CA PRO A 78 8.10 1.85 12.26
C PRO A 78 8.52 3.31 12.50
N ALA A 79 7.99 4.22 11.69
CA ALA A 79 8.19 5.65 11.89
C ALA A 79 9.66 5.97 12.01
N ALA A 80 10.08 6.63 13.10
CA ALA A 80 11.45 7.04 13.22
C ALA A 80 12.45 5.94 13.56
N PHE A 81 11.97 4.70 13.78
CA PHE A 81 12.85 3.55 13.93
C PHE A 81 13.35 3.26 12.53
N THR A 82 14.59 3.60 12.28
CA THR A 82 15.21 3.41 10.96
C THR A 82 15.91 2.05 10.84
N HIS A 83 16.41 1.51 11.94
CA HIS A 83 16.97 0.16 11.87
C HIS A 83 16.35 -0.70 12.93
N TYR A 84 16.39 -1.99 12.67
CA TYR A 84 15.69 -2.95 13.47
C TYR A 84 16.62 -3.90 14.20
N SER A 85 16.22 -4.29 15.39
CA SER A 85 16.93 -5.29 16.16
C SER A 85 16.58 -6.70 15.66
N TYR A 86 17.45 -7.67 15.94
CA TYR A 86 17.11 -9.05 15.63
C TYR A 86 15.83 -9.44 16.40
N ALA A 87 15.68 -8.99 17.64
CA ALA A 87 14.48 -9.30 18.40
C ALA A 87 13.22 -8.84 17.68
N LEU A 88 13.24 -7.66 17.07
CA LEU A 88 12.09 -7.17 16.31
CA LEU A 88 12.06 -7.19 16.33
C LEU A 88 11.85 -8.04 15.08
N ALA A 89 12.91 -8.34 14.33
CA ALA A 89 12.78 -9.17 13.15
C ALA A 89 12.19 -10.56 13.50
N ASP A 90 12.70 -11.13 14.57
CA ASP A 90 12.23 -12.41 15.06
C ASP A 90 10.76 -12.35 15.45
N ALA A 91 10.37 -11.30 16.15
CA ALA A 91 8.97 -11.16 16.57
C ALA A 91 8.08 -11.06 15.34
N ALA A 92 8.53 -10.35 14.33
CA ALA A 92 7.78 -10.22 13.06
C ALA A 92 7.64 -11.58 12.38
N HIS A 93 8.74 -12.35 12.31
CA HIS A 93 8.67 -13.69 11.70
C HIS A 93 7.69 -14.53 12.45
N MET A 94 7.66 -14.43 13.77
CA MET A 94 6.72 -15.27 14.52
C MET A 94 5.28 -14.95 14.16
N VAL A 95 4.98 -13.66 13.96
CA VAL A 95 3.62 -13.23 13.60
C VAL A 95 3.24 -13.81 12.22
N ILE A 96 4.07 -13.58 11.22
CA ILE A 96 3.74 -14.06 9.88
C ILE A 96 3.77 -15.59 9.78
N ASP A 97 4.61 -16.25 10.58
CA ASP A 97 4.65 -17.71 10.55
C ASP A 97 3.37 -18.34 11.11
N GLU A 98 2.62 -17.59 11.92
CA GLU A 98 1.29 -18.00 12.42
C GLU A 98 0.17 -17.64 11.41
N ASN A 99 0.55 -17.24 10.19
CA ASN A 99 -0.41 -16.80 9.16
C ASN A 99 -1.25 -15.62 9.61
N LEU A 100 -0.61 -14.76 10.39
CA LEU A 100 -1.20 -13.48 10.80
C LEU A 100 -0.59 -12.39 9.94
N PRO A 101 -1.41 -11.50 9.39
CA PRO A 101 -0.82 -10.41 8.64
C PRO A 101 -0.04 -9.43 9.48
N LEU A 102 1.09 -8.99 8.96
CA LEU A 102 1.92 -7.93 9.52
CA LEU A 102 1.88 -7.92 9.54
C LEU A 102 2.00 -6.92 8.38
N MET A 103 1.14 -5.92 8.41
CA MET A 103 1.12 -4.95 7.33
C MET A 103 2.02 -3.82 7.70
N GLU A 104 2.82 -3.35 6.76
CA GLU A 104 3.72 -2.23 7.05
C GLU A 104 3.20 -0.98 6.33
N VAL A 105 3.11 0.13 7.06
CA VAL A 105 2.64 1.39 6.52
C VAL A 105 3.67 2.48 6.76
N HIS A 106 3.98 3.24 5.70
CA HIS A 106 4.85 4.41 5.79
C HIS A 106 4.04 5.60 5.34
N ILE A 107 4.07 6.67 6.14
CA ILE A 107 3.34 7.89 5.83
C ILE A 107 3.73 8.48 4.48
N SER A 108 5.04 8.53 4.25
CA SER A 108 5.63 9.06 3.03
C SER A 108 6.34 7.94 2.26
N ASN A 109 6.77 8.23 1.04
CA ASN A 109 7.49 7.24 0.25
C ASN A 109 8.96 7.25 0.63
N PRO A 110 9.65 6.11 0.49
CA PRO A 110 11.07 6.04 0.81
C PRO A 110 11.93 6.61 -0.32
N SER A 120 15.64 -5.17 3.23
CA SER A 120 16.84 -5.23 4.07
C SER A 120 17.00 -6.64 4.65
N VAL A 121 18.22 -6.98 5.11
CA VAL A 121 18.47 -8.30 5.67
C VAL A 121 17.72 -8.45 7.00
N ILE A 122 17.95 -7.55 7.95
CA ILE A 122 17.19 -7.53 9.18
C ILE A 122 15.93 -6.74 8.82
N SER A 123 14.77 -7.39 8.83
CA SER A 123 13.55 -6.67 8.41
C SER A 123 12.36 -7.35 9.02
N PRO A 124 11.22 -6.65 9.07
CA PRO A 124 10.02 -7.25 9.63
C PRO A 124 9.23 -8.14 8.66
N VAL A 125 9.84 -8.50 7.53
CA VAL A 125 9.23 -9.43 6.56
C VAL A 125 7.71 -9.17 6.45
N ALA A 126 7.36 -7.93 6.19
CA ALA A 126 5.96 -7.54 6.14
C ALA A 126 5.18 -8.33 5.13
N THR A 127 3.97 -8.65 5.51
CA THR A 127 3.04 -9.32 4.61
C THR A 127 2.79 -8.50 3.37
N GLY A 128 2.67 -7.20 3.54
CA GLY A 128 2.52 -6.26 2.45
C GLY A 128 2.87 -4.89 2.98
N THR A 129 3.14 -3.97 2.07
CA THR A 129 3.59 -2.62 2.44
C THR A 129 2.83 -1.56 1.66
N ILE A 130 2.43 -0.49 2.37
CA ILE A 130 1.72 0.62 1.78
C ILE A 130 2.48 1.86 2.14
N THR A 131 2.87 2.64 1.13
CA THR A 131 3.63 3.89 1.39
C THR A 131 3.04 5.10 0.69
N GLY A 132 3.28 6.28 1.27
CA GLY A 132 2.94 7.55 0.63
C GLY A 132 1.52 8.07 0.71
N MET A 133 0.68 7.38 1.46
CA MET A 133 -0.74 7.74 1.51
C MET A 133 -1.15 8.42 2.78
N GLY A 134 -0.17 8.82 3.58
CA GLY A 134 -0.45 9.47 4.87
C GLY A 134 -1.26 8.51 5.72
N PHE A 135 -2.16 9.05 6.53
CA PHE A 135 -2.99 8.22 7.38
C PHE A 135 -3.87 7.24 6.57
N TYR A 136 -4.21 7.59 5.33
CA TYR A 136 -5.07 6.73 4.51
C TYR A 136 -4.42 5.38 4.25
N GLY A 137 -3.10 5.35 4.28
CA GLY A 137 -2.37 4.10 4.14
C GLY A 137 -2.80 3.06 5.17
N TYR A 138 -3.15 3.52 6.37
CA TYR A 138 -3.61 2.62 7.41
C TYR A 138 -4.99 2.06 7.03
N LYS A 139 -5.86 2.86 6.41
CA LYS A 139 -7.16 2.36 5.97
CA LYS A 139 -7.15 2.35 5.98
C LYS A 139 -6.93 1.23 4.98
N LEU A 140 -6.04 1.46 4.02
CA LEU A 140 -5.73 0.44 3.01
C LEU A 140 -5.18 -0.84 3.65
N ALA A 141 -4.33 -0.70 4.66
CA ALA A 141 -3.80 -1.86 5.36
C ALA A 141 -4.93 -2.65 6.07
N LEU A 142 -5.86 -1.93 6.69
CA LEU A 142 -6.98 -2.56 7.35
C LEU A 142 -7.88 -3.27 6.35
N ASP A 143 -8.13 -2.64 5.20
CA ASP A 143 -8.92 -3.25 4.13
C ASP A 143 -8.25 -4.57 3.72
N ALA A 144 -6.93 -4.54 3.57
CA ALA A 144 -6.20 -5.76 3.20
C ALA A 144 -6.38 -6.88 4.21
N VAL A 145 -6.37 -6.54 5.49
CA VAL A 145 -6.59 -7.53 6.54
C VAL A 145 -8.03 -8.07 6.47
N ALA A 146 -9.01 -7.18 6.41
CA ALA A 146 -10.41 -7.62 6.35
C ALA A 146 -10.67 -8.49 5.13
N HIS A 147 -10.00 -8.18 4.04
CA HIS A 147 -10.18 -8.97 2.82
C HIS A 147 -9.78 -10.42 3.01
N LEU A 148 -8.74 -10.67 3.79
CA LEU A 148 -8.32 -12.04 4.06
C LEU A 148 -9.36 -12.82 4.87
N LEU A 149 -10.13 -12.11 5.68
CA LEU A 149 -11.14 -12.71 6.54
C LEU A 149 -12.44 -12.99 5.79
N SER A 150 -12.56 -12.48 4.56
CA SER A 150 -13.76 -12.68 3.77
C SER A 150 -13.84 -14.12 3.25
N GLU A 151 -15.07 -14.61 3.13
CA GLU A 151 -15.31 -15.98 2.65
C GLU A 151 -15.24 -16.02 1.14
N MET B 4 -18.22 9.85 -13.56
CA MET B 4 -17.44 8.59 -13.77
C MET B 4 -16.05 8.98 -14.28
N THR B 5 -15.07 9.03 -13.38
CA THR B 5 -13.71 9.42 -13.75
C THR B 5 -12.98 8.26 -14.40
N LYS B 6 -12.32 8.54 -15.52
CA LYS B 6 -11.56 7.52 -16.23
C LYS B 6 -10.21 7.36 -15.55
N VAL B 7 -9.82 6.11 -15.26
CA VAL B 7 -8.54 5.79 -14.64
C VAL B 7 -7.91 4.71 -15.48
N ILE B 8 -6.60 4.80 -15.70
CA ILE B 8 -5.89 3.79 -16.48
CA ILE B 8 -5.87 3.83 -16.48
C ILE B 8 -4.97 2.98 -15.58
N VAL B 9 -4.99 1.67 -15.77
CA VAL B 9 -4.13 0.73 -15.06
C VAL B 9 -3.19 0.25 -16.16
N VAL B 10 -1.90 0.48 -15.98
CA VAL B 10 -0.90 0.15 -16.99
C VAL B 10 0.11 -0.83 -16.41
N ASN B 11 0.42 -1.87 -17.18
CA ASN B 11 1.34 -2.89 -16.75
CA ASN B 11 1.35 -2.91 -16.75
C ASN B 11 2.51 -3.02 -17.71
N GLY B 12 3.69 -3.22 -17.13
CA GLY B 12 4.92 -3.40 -17.88
C GLY B 12 5.04 -4.86 -18.29
N PRO B 13 6.24 -5.26 -18.73
CA PRO B 13 6.46 -6.63 -19.18
C PRO B 13 6.54 -7.65 -18.06
N ASN B 14 6.10 -8.89 -18.35
CA ASN B 14 6.17 -10.00 -17.40
C ASN B 14 5.39 -9.75 -16.12
N GLN B 29 -4.21 -15.94 -20.11
CA GLN B 29 -3.18 -15.10 -19.47
C GLN B 29 -3.86 -14.08 -18.53
N ASP B 30 -3.09 -13.48 -17.63
CA ASP B 30 -3.66 -12.67 -16.55
C ASP B 30 -4.37 -11.37 -16.88
N LEU B 31 -4.09 -10.78 -18.04
CA LEU B 31 -4.67 -9.46 -18.37
C LEU B 31 -6.20 -9.45 -18.37
N ASP B 32 -6.83 -10.46 -18.97
CA ASP B 32 -8.30 -10.55 -19.01
C ASP B 32 -8.88 -10.64 -17.61
N THR B 33 -8.25 -11.47 -16.77
CA THR B 33 -8.66 -11.63 -15.38
C THR B 33 -8.56 -10.30 -14.64
N LEU B 34 -7.43 -9.63 -14.79
CA LEU B 34 -7.24 -8.34 -14.14
C LEU B 34 -8.25 -7.30 -14.65
N ARG B 35 -8.50 -7.28 -15.95
CA ARG B 35 -9.46 -6.35 -16.53
C ARG B 35 -10.82 -6.47 -15.89
N LYS B 36 -11.30 -7.71 -15.74
N LYS B 36 -11.30 -7.69 -15.73
CA LYS B 36 -12.61 -7.95 -15.15
CA LYS B 36 -12.61 -7.94 -15.15
C LYS B 36 -12.64 -7.44 -13.71
C LYS B 36 -12.66 -7.48 -13.70
N LEU B 37 -11.63 -7.81 -12.93
CA LEU B 37 -11.59 -7.40 -11.55
C LEU B 37 -11.55 -5.87 -11.44
N CYS B 38 -10.68 -5.25 -12.23
CA CYS B 38 -10.52 -3.78 -12.17
C CYS B 38 -11.76 -3.03 -12.60
N ALA B 39 -12.45 -3.56 -13.61
CA ALA B 39 -13.69 -2.93 -14.06
C ALA B 39 -14.71 -2.92 -12.93
N GLU B 40 -14.87 -4.06 -12.26
CA GLU B 40 -15.80 -4.23 -11.16
C GLU B 40 -15.42 -3.36 -9.97
N TRP B 41 -14.15 -3.40 -9.57
CA TRP B 41 -13.71 -2.57 -8.46
C TRP B 41 -13.91 -1.10 -8.75
N GLY B 42 -13.63 -0.70 -9.98
CA GLY B 42 -13.77 0.71 -10.37
C GLY B 42 -15.21 1.14 -10.30
N LYS B 43 -16.10 0.28 -10.82
CA LYS B 43 -17.53 0.59 -10.86
C LYS B 43 -18.02 0.89 -9.46
N ASP B 44 -17.57 0.11 -8.48
CA ASP B 44 -17.98 0.31 -7.10
C ASP B 44 -17.45 1.60 -6.50
N LEU B 45 -16.42 2.18 -7.11
CA LEU B 45 -15.82 3.43 -6.66
C LEU B 45 -16.17 4.63 -7.55
N GLY B 46 -17.04 4.43 -8.53
CA GLY B 46 -17.42 5.49 -9.46
C GLY B 46 -16.28 5.80 -10.44
N LEU B 47 -15.44 4.82 -10.70
CA LEU B 47 -14.34 4.99 -11.65
C LEU B 47 -14.59 4.12 -12.86
N GLU B 48 -14.19 4.63 -14.03
CA GLU B 48 -14.25 3.89 -15.28
C GLU B 48 -12.81 3.48 -15.50
N VAL B 49 -12.52 2.19 -15.36
CA VAL B 49 -11.15 1.73 -15.40
C VAL B 49 -10.81 0.91 -16.64
N GLU B 50 -9.72 1.30 -17.29
CA GLU B 50 -9.21 0.63 -18.46
C GLU B 50 -7.89 0.02 -18.06
N VAL B 51 -7.63 -1.21 -18.49
CA VAL B 51 -6.39 -1.88 -18.15
C VAL B 51 -5.62 -2.17 -19.42
N ARG B 52 -4.34 -1.83 -19.42
CA ARG B 52 -3.48 -2.06 -20.57
C ARG B 52 -2.15 -2.69 -20.14
N GLN B 53 -1.47 -3.29 -21.09
CA GLN B 53 -0.18 -3.90 -20.83
C GLN B 53 0.72 -3.70 -22.03
N THR B 54 1.99 -3.46 -21.75
CA THR B 54 2.99 -3.29 -22.81
C THR B 54 4.37 -3.74 -22.36
N ASP B 55 5.11 -4.26 -23.33
CA ASP B 55 6.48 -4.65 -23.12
C ASP B 55 7.42 -3.53 -23.58
N ASP B 56 6.86 -2.53 -24.25
CA ASP B 56 7.64 -1.43 -24.86
C ASP B 56 7.63 -0.21 -23.94
N GLU B 57 8.80 0.11 -23.37
CA GLU B 57 8.89 1.24 -22.44
CA GLU B 57 8.88 1.25 -22.45
C GLU B 57 8.48 2.55 -23.13
N ALA B 58 8.79 2.66 -24.43
CA ALA B 58 8.43 3.85 -25.19
C ALA B 58 6.92 4.02 -25.24
N GLU B 59 6.19 2.92 -25.37
CA GLU B 59 4.74 2.94 -25.37
C GLU B 59 4.23 3.34 -23.99
N MET B 60 4.84 2.78 -22.95
CA MET B 60 4.45 3.14 -21.58
CA MET B 60 4.42 3.14 -21.58
C MET B 60 4.62 4.64 -21.39
N VAL B 61 5.74 5.17 -21.90
CA VAL B 61 6.01 6.60 -21.81
C VAL B 61 4.91 7.38 -22.56
N ARG B 62 4.53 6.92 -23.75
CA ARG B 62 3.42 7.55 -24.50
C ARG B 62 2.12 7.54 -23.67
N TRP B 63 1.82 6.41 -23.06
CA TRP B 63 0.60 6.31 -22.24
C TRP B 63 0.60 7.25 -21.09
N MET B 64 1.77 7.53 -20.52
CA MET B 64 1.88 8.46 -19.40
CA MET B 64 1.84 8.44 -19.39
C MET B 64 1.64 9.89 -19.86
N HIS B 65 2.21 10.22 -21.03
CA HIS B 65 2.00 11.55 -21.60
C HIS B 65 0.53 11.73 -21.92
N GLN B 66 -0.11 10.68 -22.44
CA GLN B 66 -1.54 10.68 -22.74
C GLN B 66 -2.41 10.87 -21.50
N ALA B 67 -2.02 10.21 -20.39
CA ALA B 67 -2.74 10.35 -19.14
C ALA B 67 -2.69 11.79 -18.69
N ALA B 68 -1.51 12.40 -18.80
CA ALA B 68 -1.36 13.81 -18.41
C ALA B 68 -2.30 14.70 -19.26
N ASP B 69 -2.34 14.45 -20.56
CA ASP B 69 -3.24 15.18 -21.49
CA ASP B 69 -3.20 15.20 -21.47
C ASP B 69 -4.69 15.00 -21.16
N GLU B 70 -5.09 13.73 -20.97
CA GLU B 70 -6.48 13.40 -20.70
C GLU B 70 -6.92 13.57 -19.24
N LYS B 71 -5.98 13.90 -18.36
CA LYS B 71 -6.27 14.07 -16.93
C LYS B 71 -6.82 12.78 -16.32
N THR B 72 -6.23 11.64 -16.70
CA THR B 72 -6.65 10.38 -16.13
C THR B 72 -5.63 9.89 -15.10
N PRO B 73 -6.06 9.65 -13.86
CA PRO B 73 -5.20 9.06 -12.83
C PRO B 73 -4.61 7.76 -13.35
N VAL B 74 -3.45 7.40 -12.84
CA VAL B 74 -2.73 6.24 -13.32
C VAL B 74 -2.39 5.26 -12.19
N VAL B 75 -2.65 3.98 -12.41
CA VAL B 75 -2.19 2.89 -11.55
C VAL B 75 -1.16 2.16 -12.42
N MET B 76 0.08 2.10 -11.96
CA MET B 76 1.13 1.46 -12.74
C MET B 76 1.80 0.33 -12.02
N ASN B 77 1.88 -0.82 -12.68
CA ASN B 77 2.67 -1.93 -12.21
C ASN B 77 3.82 -1.99 -13.19
N PRO B 78 4.99 -1.49 -12.79
CA PRO B 78 6.15 -1.42 -13.69
C PRO B 78 6.63 -2.81 -14.13
N ALA B 79 6.31 -3.83 -13.33
CA ALA B 79 6.67 -5.21 -13.64
C ALA B 79 8.16 -5.29 -14.00
N ALA B 80 8.48 -5.76 -15.20
CA ALA B 80 9.89 -5.93 -15.62
C ALA B 80 10.66 -4.64 -15.88
N PHE B 81 9.96 -3.49 -15.88
CA PHE B 81 10.65 -2.21 -15.97
C PHE B 81 11.15 -1.88 -14.54
N THR B 82 12.18 -2.60 -14.10
CA THR B 82 12.73 -2.38 -12.76
C THR B 82 13.66 -1.16 -12.73
N HIS B 83 14.22 -0.83 -13.90
CA HIS B 83 15.06 0.35 -14.08
C HIS B 83 14.31 1.34 -14.90
N TYR B 84 13.75 2.35 -14.25
CA TYR B 84 13.05 3.41 -14.96
C TYR B 84 14.07 4.15 -15.83
N SER B 85 13.82 4.22 -17.14
CA SER B 85 14.68 5.02 -17.98
C SER B 85 14.46 6.45 -17.52
N TYR B 86 15.33 7.36 -17.92
CA TYR B 86 15.13 8.75 -17.59
C TYR B 86 13.78 9.21 -18.16
N ALA B 87 13.45 8.73 -19.36
CA ALA B 87 12.20 9.08 -20.04
C ALA B 87 10.95 8.67 -19.24
N LEU B 88 10.96 7.46 -18.72
CA LEU B 88 9.81 6.99 -17.93
C LEU B 88 9.72 7.77 -16.61
N ALA B 89 10.85 8.01 -15.96
CA ALA B 89 10.87 8.77 -14.72
C ALA B 89 10.32 10.18 -15.00
N ASP B 90 10.75 10.79 -16.11
CA ASP B 90 10.28 12.12 -16.46
CA ASP B 90 10.27 12.13 -16.48
C ASP B 90 8.76 12.10 -16.73
N ALA B 91 8.30 11.06 -17.41
CA ALA B 91 6.87 10.92 -17.71
C ALA B 91 6.05 10.74 -16.44
N ALA B 92 6.59 9.97 -15.50
CA ALA B 92 5.92 9.81 -14.21
C ALA B 92 5.85 11.14 -13.48
N HIS B 93 6.94 11.89 -13.46
CA HIS B 93 6.96 13.21 -12.81
CA HIS B 93 6.96 13.19 -12.80
C HIS B 93 5.93 14.11 -13.44
N MET B 94 5.81 14.02 -14.76
CA MET B 94 4.85 14.85 -15.51
C MET B 94 3.41 14.59 -15.02
N VAL B 95 3.06 13.32 -14.84
CA VAL B 95 1.73 12.97 -14.36
C VAL B 95 1.51 13.54 -12.95
N ILE B 96 2.49 13.34 -12.08
CA ILE B 96 2.42 13.82 -10.69
C ILE B 96 2.31 15.35 -10.67
N ASP B 97 3.06 16.01 -11.53
CA ASP B 97 3.03 17.48 -11.56
C ASP B 97 1.69 18.07 -11.99
N GLU B 98 0.86 17.28 -12.67
CA GLU B 98 -0.49 17.70 -13.02
C GLU B 98 -1.45 17.49 -11.86
N ASN B 99 -0.92 17.07 -10.71
CA ASN B 99 -1.70 16.75 -9.52
CA ASN B 99 -1.71 16.76 -9.51
C ASN B 99 -2.60 15.53 -9.71
N LEU B 100 -2.21 14.64 -10.63
CA LEU B 100 -2.94 13.40 -10.88
C LEU B 100 -2.35 12.30 -10.01
N PRO B 101 -3.20 11.46 -9.43
CA PRO B 101 -2.61 10.37 -8.69
C PRO B 101 -1.86 9.42 -9.58
N LEU B 102 -0.74 8.91 -9.08
N LEU B 102 -0.72 8.90 -9.11
CA LEU B 102 0.07 7.92 -9.75
CA LEU B 102 0.04 7.89 -9.83
C LEU B 102 0.36 6.88 -8.69
C LEU B 102 0.43 6.84 -8.78
N MET B 103 -0.35 5.76 -8.74
CA MET B 103 -0.17 4.70 -7.75
C MET B 103 0.64 3.59 -8.34
N GLU B 104 1.67 3.17 -7.62
CA GLU B 104 2.55 2.10 -8.08
C GLU B 104 2.20 0.81 -7.34
N VAL B 105 1.98 -0.25 -8.10
CA VAL B 105 1.61 -1.55 -7.57
C VAL B 105 2.62 -2.61 -7.88
N HIS B 106 3.04 -3.37 -6.87
CA HIS B 106 3.86 -4.57 -7.05
C HIS B 106 3.07 -5.74 -6.50
N ILE B 107 2.89 -6.78 -7.32
CA ILE B 107 2.08 -7.92 -6.93
C ILE B 107 2.72 -8.71 -5.80
N SER B 108 4.04 -8.91 -5.87
CA SER B 108 4.77 -9.69 -4.90
C SER B 108 5.71 -8.83 -4.09
N ASN B 109 6.12 -9.37 -2.96
CA ASN B 109 7.11 -8.70 -2.12
C ASN B 109 8.50 -8.96 -2.65
N PRO B 110 9.43 -8.04 -2.40
CA PRO B 110 10.80 -8.32 -2.79
C PRO B 110 11.46 -9.24 -1.77
N SER B 111 12.54 -9.88 -2.18
CA SER B 111 13.29 -10.78 -1.30
C SER B 111 14.63 -10.15 -0.94
N ALA B 112 15.15 -10.48 0.24
CA ALA B 112 16.46 -9.98 0.67
C ALA B 112 17.54 -10.70 -0.14
N ARG B 113 17.20 -11.88 -0.68
CA ARG B 113 18.09 -12.64 -1.55
C ARG B 113 17.95 -12.13 -2.98
N VAL B 125 8.63 9.11 -8.13
CA VAL B 125 7.99 8.65 -9.35
C VAL B 125 6.62 8.01 -9.08
N ALA B 126 6.10 8.18 -7.87
CA ALA B 126 4.75 7.70 -7.56
C ALA B 126 4.20 8.51 -6.43
N THR B 127 2.87 8.63 -6.40
CA THR B 127 2.15 9.24 -5.30
C THR B 127 2.30 8.33 -4.07
N GLY B 128 2.00 7.06 -4.28
CA GLY B 128 2.10 6.06 -3.24
C GLY B 128 2.35 4.70 -3.86
N THR B 129 2.78 3.76 -3.04
CA THR B 129 3.13 2.41 -3.51
C THR B 129 2.44 1.37 -2.65
N ILE B 130 2.00 0.30 -3.32
CA ILE B 130 1.31 -0.83 -2.72
CA ILE B 130 1.32 -0.82 -2.70
C ILE B 130 2.07 -2.07 -3.15
N THR B 131 2.59 -2.82 -2.20
CA THR B 131 3.41 -3.99 -2.50
C THR B 131 3.01 -5.23 -1.75
N GLY B 132 2.89 -6.35 -2.47
CA GLY B 132 2.74 -7.64 -1.86
C GLY B 132 1.36 -8.19 -1.67
N MET B 133 0.35 -7.49 -2.14
CA MET B 133 -1.04 -7.94 -1.94
C MET B 133 -1.59 -8.66 -3.15
N GLY B 134 -0.73 -9.24 -3.96
CA GLY B 134 -1.20 -9.87 -5.19
C GLY B 134 -1.97 -8.89 -6.05
N PHE B 135 -2.98 -9.40 -6.77
CA PHE B 135 -3.79 -8.56 -7.61
C PHE B 135 -4.72 -7.63 -6.77
N TYR B 136 -4.90 -7.94 -5.48
CA TYR B 136 -5.71 -7.09 -4.61
C TYR B 136 -5.03 -5.74 -4.41
N GLY B 137 -3.74 -5.66 -4.67
CA GLY B 137 -3.04 -4.38 -4.61
C GLY B 137 -3.62 -3.38 -5.59
N TYR B 138 -4.14 -3.85 -6.72
CA TYR B 138 -4.78 -2.95 -7.70
C TYR B 138 -6.07 -2.38 -7.14
N LYS B 139 -6.82 -3.21 -6.39
CA LYS B 139 -8.05 -2.75 -5.73
C LYS B 139 -7.70 -1.63 -4.79
N LEU B 140 -6.67 -1.85 -3.95
CA LEU B 140 -6.26 -0.82 -3.00
C LEU B 140 -5.77 0.44 -3.72
N ALA B 141 -5.08 0.27 -4.84
CA ALA B 141 -4.61 1.41 -5.62
C ALA B 141 -5.81 2.22 -6.15
N LEU B 142 -6.86 1.53 -6.61
CA LEU B 142 -8.07 2.21 -7.12
C LEU B 142 -8.76 2.94 -5.96
N ASP B 143 -8.82 2.33 -4.79
CA ASP B 143 -9.39 2.98 -3.59
CA ASP B 143 -9.39 2.98 -3.63
C ASP B 143 -8.61 4.27 -3.33
N ALA B 144 -7.28 4.19 -3.40
CA ALA B 144 -6.42 5.34 -3.16
C ALA B 144 -6.70 6.45 -4.18
N VAL B 145 -6.87 6.07 -5.45
CA VAL B 145 -7.16 7.05 -6.50
C VAL B 145 -8.48 7.74 -6.18
N ALA B 146 -9.51 6.97 -5.88
CA ALA B 146 -10.84 7.57 -5.57
C ALA B 146 -10.77 8.50 -4.37
N HIS B 147 -9.94 8.16 -3.38
CA HIS B 147 -9.77 8.98 -2.18
C HIS B 147 -9.10 10.28 -2.52
N LEU B 148 -8.05 10.20 -3.32
CA LEU B 148 -7.33 11.42 -3.70
C LEU B 148 -8.21 12.33 -4.58
N LEU B 149 -9.12 11.76 -5.37
CA LEU B 149 -9.96 12.57 -6.25
C LEU B 149 -11.04 13.30 -5.47
N SER B 150 -11.47 12.71 -4.36
CA SER B 150 -12.54 13.29 -3.54
C SER B 150 -12.07 14.43 -2.63
N GLU B 151 -10.76 14.65 -2.55
CA GLU B 151 -10.21 15.71 -1.71
C GLU B 151 -10.37 17.12 -2.31
#